data_3FCO
#
_entry.id   3FCO
#
_cell.length_a   109.185
_cell.length_b   109.185
_cell.length_c   135.869
_cell.angle_alpha   90.000
_cell.angle_beta   90.000
_cell.angle_gamma   120.000
#
_symmetry.space_group_name_H-M   'P 31 2 1'
#
loop_
_entity.id
_entity.type
_entity.pdbx_description
1 polymer 'Corticosteroid 11-beta-dehydrogenase isozyme 1'
2 non-polymer 'NADP NICOTINAMIDE-ADENINE-DINUCLEOTIDE PHOSPHATE'
3 non-polymer N-cyclopropyl-N-(cis-4-cyclopropyl-4-hydroxycyclohexyl)-4-[(1S)-2,2,2-trifluoro-1-hydroxy-1-methylethyl]benzamide
4 water water
#
_entity_poly.entity_id   1
_entity_poly.type   'polypeptide(L)'
_entity_poly.pdbx_seq_one_letter_code
;MKHQHQHQHQHQHQQPLNEEFRPEMLQGKKVIVTGASKGIGREMAYHLAKMGAHVVVTARSKETLQKVVSHCLELGAASA
HYIAGTMEDMTFAEQFVAQAGKLMGGLDMLILNHITNTSLNLFHDDIHHVRKSMEVNFLSYVVLTVAALPMLKQSNGSIV
VVSSLAGKVAYPMVAAYSASKFALDGFFSSIRKEYSVSRVNVSITLCVLGLIDTETAMKAVSGIVHMQAAPKEECALEII
KGGALRQEEVYYDSSLWTTLLIRNPSRKILEFLYSTSYNMDRFINK
;
_entity_poly.pdbx_strand_id   A,B
#
loop_
_chem_comp.id
_chem_comp.type
_chem_comp.name
_chem_comp.formula
IIG non-polymer N-cyclopropyl-N-(cis-4-cyclopropyl-4-hydroxycyclohexyl)-4-[(1S)-2,2,2-trifluoro-1-hydroxy-1-methylethyl]benzamide 'C22 H28 F3 N O3'
NAP non-polymer 'NADP NICOTINAMIDE-ADENINE-DINUCLEOTIDE PHOSPHATE' 'C21 H28 N7 O17 P3'
#
# COMPACT_ATOMS: atom_id res chain seq x y z
N GLN A 15 5.14 12.07 -18.76
CA GLN A 15 5.36 13.52 -19.02
C GLN A 15 4.08 14.26 -19.45
N PRO A 16 3.82 15.42 -18.81
CA PRO A 16 2.64 16.31 -18.95
C PRO A 16 2.48 17.13 -20.26
N LEU A 17 1.24 17.56 -20.55
CA LEU A 17 0.94 18.59 -21.56
C LEU A 17 1.54 19.93 -21.10
N ASN A 18 1.89 20.79 -22.05
CA ASN A 18 2.81 21.88 -21.71
C ASN A 18 2.19 23.29 -21.69
N GLU A 19 0.95 23.35 -21.25
CA GLU A 19 0.13 24.53 -21.40
C GLU A 19 -0.69 24.61 -20.12
N GLU A 20 -1.21 25.78 -19.82
CA GLU A 20 -2.12 25.83 -18.69
C GLU A 20 -3.43 25.21 -19.13
N PHE A 21 -4.29 24.92 -18.16
CA PHE A 21 -5.50 24.15 -18.41
C PHE A 21 -6.59 24.97 -19.11
N ARG A 22 -7.42 24.33 -19.93
CA ARG A 22 -8.58 24.98 -20.48
C ARG A 22 -9.79 24.06 -20.44
N PRO A 23 -10.90 24.60 -19.99
CA PRO A 23 -12.13 23.82 -19.88
C PRO A 23 -12.37 23.07 -21.18
N GLU A 24 -11.90 23.63 -22.29
CA GLU A 24 -12.18 23.07 -23.61
C GLU A 24 -11.66 21.64 -23.70
N MET A 25 -10.46 21.43 -23.17
CA MET A 25 -9.78 20.15 -23.21
C MET A 25 -10.70 18.98 -22.89
N LEU A 26 -11.81 19.23 -22.22
CA LEU A 26 -12.65 18.12 -21.83
C LEU A 26 -13.84 18.03 -22.74
N GLN A 27 -14.03 19.05 -23.55
CA GLN A 27 -15.23 19.06 -24.37
C GLN A 27 -15.21 17.82 -25.25
N GLY A 28 -16.34 17.10 -25.26
CA GLY A 28 -16.51 15.93 -26.10
C GLY A 28 -15.82 14.68 -25.57
N LYS A 29 -14.97 14.87 -24.55
CA LYS A 29 -14.25 13.74 -23.94
C LYS A 29 -15.26 12.82 -23.25
N LYS A 30 -14.93 11.54 -23.21
CA LYS A 30 -15.81 10.58 -22.57
C LYS A 30 -15.13 10.08 -21.32
N VAL A 31 -15.86 10.15 -20.22
CA VAL A 31 -15.20 10.00 -18.94
C VAL A 31 -16.01 9.15 -18.03
N ILE A 32 -15.38 8.21 -17.35
CA ILE A 32 -16.06 7.55 -16.25
C ILE A 32 -15.70 8.24 -14.92
N VAL A 33 -16.68 8.37 -14.04
CA VAL A 33 -16.41 8.77 -12.66
C VAL A 33 -17.08 7.81 -11.66
N THR A 34 -16.32 7.29 -10.71
CA THR A 34 -16.93 6.35 -9.74
C THR A 34 -17.14 7.09 -8.42
N GLY A 35 -17.87 6.47 -7.50
CA GLY A 35 -18.30 7.15 -6.30
C GLY A 35 -18.77 8.54 -6.64
N ALA A 36 -19.65 8.66 -7.63
CA ALA A 36 -20.02 10.00 -8.12
C ALA A 36 -21.44 10.45 -7.71
N SER A 37 -22.06 9.79 -6.74
CA SER A 37 -23.41 10.14 -6.32
C SER A 37 -23.35 11.33 -5.37
N LYS A 38 -22.29 11.39 -4.57
CA LYS A 38 -22.11 12.49 -3.64
C LYS A 38 -20.65 12.96 -3.67
N GLY A 39 -20.26 13.70 -2.65
CA GLY A 39 -18.87 14.07 -2.46
C GLY A 39 -18.10 14.57 -3.65
N ILE A 40 -16.79 14.31 -3.64
CA ILE A 40 -15.84 14.75 -4.64
C ILE A 40 -16.20 14.18 -6.02
N GLY A 41 -16.67 12.94 -6.04
CA GLY A 41 -17.19 12.37 -7.27
C GLY A 41 -18.24 13.27 -7.91
N ARG A 42 -19.27 13.61 -7.14
CA ARG A 42 -20.35 14.45 -7.63
C ARG A 42 -19.79 15.74 -8.21
N GLU A 43 -18.98 16.44 -7.42
CA GLU A 43 -18.36 17.66 -7.91
C GLU A 43 -17.68 17.40 -9.23
N MET A 44 -17.03 16.25 -9.37
CA MET A 44 -16.27 16.03 -10.59
C MET A 44 -17.24 15.89 -11.78
N ALA A 45 -18.29 15.09 -11.62
CA ALA A 45 -19.35 15.04 -12.63
C ALA A 45 -19.77 16.46 -13.05
N TYR A 46 -20.19 17.24 -12.06
CA TYR A 46 -20.62 18.60 -12.33
C TYR A 46 -19.62 19.40 -13.17
N HIS A 47 -18.34 19.35 -12.81
CA HIS A 47 -17.37 20.17 -13.51
C HIS A 47 -17.27 19.64 -14.92
N LEU A 48 -17.35 18.31 -15.03
CA LEU A 48 -17.13 17.70 -16.32
C LEU A 48 -18.28 18.16 -17.20
N ALA A 49 -19.49 18.12 -16.64
CA ALA A 49 -20.68 18.53 -17.40
C ALA A 49 -20.49 19.96 -17.89
N LYS A 50 -20.15 20.86 -16.98
CA LYS A 50 -20.10 22.25 -17.38
C LYS A 50 -19.13 22.35 -18.56
N MET A 51 -18.43 21.26 -18.85
CA MET A 51 -17.35 21.41 -19.79
C MET A 51 -17.77 20.82 -21.12
N GLY A 52 -18.82 20.02 -21.06
CA GLY A 52 -19.38 19.39 -22.24
C GLY A 52 -18.67 18.09 -22.56
N ALA A 53 -18.54 17.24 -21.54
CA ALA A 53 -17.99 15.92 -21.70
C ALA A 53 -19.12 14.94 -21.64
N HIS A 54 -18.94 13.78 -22.26
CA HIS A 54 -19.89 12.72 -22.06
C HIS A 54 -19.51 12.15 -20.71
N VAL A 55 -20.46 11.55 -20.00
CA VAL A 55 -20.22 11.27 -18.61
C VAL A 55 -20.95 10.00 -18.21
N VAL A 56 -20.22 9.03 -17.68
CA VAL A 56 -20.92 7.94 -17.06
C VAL A 56 -20.47 7.91 -15.62
N VAL A 57 -21.44 7.96 -14.71
CA VAL A 57 -21.12 7.99 -13.31
C VAL A 57 -21.69 6.72 -12.74
N THR A 58 -21.06 6.22 -11.68
CA THR A 58 -21.56 5.02 -11.02
C THR A 58 -21.37 5.12 -9.52
N ALA A 59 -22.22 4.41 -8.77
CA ALA A 59 -22.18 4.22 -7.32
C ALA A 59 -23.14 3.05 -7.05
N ARG A 60 -23.50 2.79 -5.79
CA ARG A 60 -24.52 1.73 -5.52
C ARG A 60 -25.99 2.22 -5.68
N SER A 61 -26.28 3.45 -5.24
CA SER A 61 -27.64 4.02 -5.15
C SER A 61 -28.15 4.65 -6.43
N LYS A 62 -29.16 4.03 -7.04
CA LYS A 62 -29.61 4.50 -8.35
C LYS A 62 -30.28 5.87 -8.28
N GLU A 63 -30.86 6.18 -7.11
CA GLU A 63 -31.62 7.41 -6.93
C GLU A 63 -30.72 8.65 -6.93
N THR A 64 -29.77 8.66 -6.00
CA THR A 64 -28.78 9.75 -5.91
C THR A 64 -28.06 9.93 -7.26
N LEU A 65 -27.68 8.82 -7.87
CA LEU A 65 -27.07 8.91 -9.19
C LEU A 65 -27.95 9.75 -10.10
N GLN A 66 -29.18 9.27 -10.29
CA GLN A 66 -30.19 9.97 -11.08
C GLN A 66 -30.22 11.47 -10.78
N LYS A 67 -30.25 11.86 -9.51
CA LYS A 67 -30.11 13.28 -9.21
C LYS A 67 -28.97 13.79 -10.10
N VAL A 68 -27.78 13.24 -9.88
CA VAL A 68 -26.57 13.71 -10.56
C VAL A 68 -26.62 13.70 -12.10
N VAL A 69 -27.01 12.57 -12.69
CA VAL A 69 -27.18 12.54 -14.14
C VAL A 69 -28.09 13.70 -14.60
N SER A 70 -29.21 13.89 -13.90
CA SER A 70 -30.17 14.94 -14.26
C SER A 70 -29.56 16.33 -14.19
N HIS A 71 -28.73 16.58 -13.19
CA HIS A 71 -28.06 17.86 -13.11
C HIS A 71 -26.88 18.02 -14.14
N CYS A 72 -26.10 16.99 -14.39
CA CYS A 72 -25.08 17.09 -15.45
C CYS A 72 -25.69 17.45 -16.81
N LEU A 73 -26.85 16.86 -17.09
CA LEU A 73 -27.61 17.25 -18.28
C LEU A 73 -27.92 18.74 -18.26
N GLU A 74 -28.44 19.25 -17.15
CA GLU A 74 -28.79 20.66 -17.14
C GLU A 74 -27.55 21.53 -17.27
N LEU A 75 -26.38 21.03 -16.85
CA LEU A 75 -25.18 21.84 -16.87
C LEU A 75 -24.51 21.85 -18.24
N GLY A 76 -24.97 20.94 -19.08
CA GLY A 76 -24.58 20.95 -20.48
C GLY A 76 -23.61 19.84 -20.83
N ALA A 77 -23.75 18.70 -20.15
CA ALA A 77 -23.06 17.50 -20.57
C ALA A 77 -23.35 17.25 -22.06
N ALA A 78 -22.40 16.69 -22.80
CA ALA A 78 -22.74 16.12 -24.11
C ALA A 78 -23.72 14.95 -23.89
N SER A 79 -23.55 14.23 -22.78
CA SER A 79 -24.48 13.17 -22.43
C SER A 79 -24.07 12.71 -21.06
N ALA A 80 -24.91 11.91 -20.44
CA ALA A 80 -24.74 11.60 -19.08
C ALA A 80 -25.57 10.39 -18.74
N HIS A 81 -24.97 9.40 -18.10
CA HIS A 81 -25.73 8.22 -17.69
C HIS A 81 -25.16 7.70 -16.39
N TYR A 82 -25.76 6.62 -15.91
CA TYR A 82 -25.32 6.08 -14.66
C TYR A 82 -25.53 4.58 -14.73
N ILE A 83 -24.87 3.81 -13.86
CA ILE A 83 -25.06 2.37 -13.79
C ILE A 83 -24.72 2.00 -12.35
N ALA A 84 -25.57 1.21 -11.72
CA ALA A 84 -25.43 0.99 -10.31
C ALA A 84 -24.92 -0.37 -10.00
N GLY A 85 -24.05 -0.42 -9.00
CA GLY A 85 -23.64 -1.68 -8.45
C GLY A 85 -22.65 -1.36 -7.36
N THR A 86 -22.16 -2.39 -6.69
CA THR A 86 -21.14 -2.24 -5.70
C THR A 86 -19.78 -2.74 -6.22
N MET A 87 -18.72 -2.04 -5.84
CA MET A 87 -17.43 -2.36 -6.35
C MET A 87 -16.85 -3.42 -5.45
N GLU A 88 -17.68 -3.90 -4.52
CA GLU A 88 -17.35 -5.16 -3.84
C GLU A 88 -17.46 -6.25 -4.87
N ASP A 89 -18.16 -6.00 -5.95
CA ASP A 89 -18.32 -7.08 -6.91
C ASP A 89 -17.44 -6.96 -8.18
N MET A 90 -16.43 -7.80 -8.27
CA MET A 90 -15.49 -7.68 -9.39
C MET A 90 -16.16 -7.89 -10.75
N THR A 91 -17.12 -8.83 -10.81
CA THR A 91 -17.86 -9.01 -12.07
C THR A 91 -18.53 -7.69 -12.45
N PHE A 92 -19.08 -6.99 -11.47
CA PHE A 92 -19.85 -5.83 -11.82
C PHE A 92 -18.89 -4.79 -12.33
N ALA A 93 -17.78 -4.66 -11.63
CA ALA A 93 -16.74 -3.68 -11.97
C ALA A 93 -16.26 -3.85 -13.42
N GLU A 94 -15.92 -5.09 -13.78
CA GLU A 94 -15.53 -5.42 -15.14
C GLU A 94 -16.59 -5.10 -16.20
N GLN A 95 -17.79 -5.63 -16.03
CA GLN A 95 -18.84 -5.33 -16.99
C GLN A 95 -19.21 -3.86 -16.95
N PHE A 96 -19.18 -3.24 -15.77
CA PHE A 96 -19.52 -1.84 -15.71
C PHE A 96 -18.78 -1.04 -16.75
N VAL A 97 -17.50 -1.33 -16.94
CA VAL A 97 -16.71 -0.50 -17.85
C VAL A 97 -17.10 -0.76 -19.30
N ALA A 98 -17.41 -2.01 -19.60
CA ALA A 98 -17.93 -2.35 -20.93
C ALA A 98 -19.22 -1.56 -21.18
N GLN A 99 -20.20 -1.65 -20.28
CA GLN A 99 -21.43 -0.89 -20.50
C GLN A 99 -21.11 0.54 -20.84
N ALA A 100 -20.34 1.16 -19.95
CA ALA A 100 -20.12 2.59 -20.04
C ALA A 100 -19.47 2.93 -21.35
N GLY A 101 -18.55 2.06 -21.80
CA GLY A 101 -17.84 2.29 -23.07
C GLY A 101 -18.79 2.25 -24.26
N LYS A 102 -19.69 1.28 -24.25
CA LYS A 102 -20.78 1.22 -25.22
C LYS A 102 -21.58 2.53 -25.14
N LEU A 103 -22.15 2.84 -23.98
CA LEU A 103 -22.93 4.07 -23.83
C LEU A 103 -22.24 5.31 -24.39
N MET A 104 -20.95 5.28 -24.63
CA MET A 104 -20.29 6.51 -25.08
C MET A 104 -19.49 6.28 -26.36
N GLY A 105 -19.31 5.02 -26.73
CA GLY A 105 -18.52 4.66 -27.90
C GLY A 105 -17.09 5.01 -27.60
N GLY A 106 -16.59 4.59 -26.44
CA GLY A 106 -15.21 4.90 -26.08
C GLY A 106 -15.02 5.46 -24.68
N LEU A 107 -13.78 5.88 -24.40
CA LEU A 107 -13.32 6.25 -23.06
C LEU A 107 -12.06 7.07 -23.19
N ASP A 108 -12.06 8.27 -22.61
CA ASP A 108 -10.88 9.12 -22.68
C ASP A 108 -10.22 9.21 -21.32
N MET A 109 -11.04 9.04 -20.28
CA MET A 109 -10.57 9.26 -18.94
C MET A 109 -11.30 8.35 -17.97
N LEU A 110 -10.53 7.67 -17.13
CA LEU A 110 -11.09 6.76 -16.12
C LEU A 110 -10.80 7.34 -14.73
N ILE A 111 -11.84 7.80 -14.03
CA ILE A 111 -11.64 8.48 -12.76
C ILE A 111 -12.05 7.55 -11.67
N LEU A 112 -11.11 7.21 -10.79
CA LEU A 112 -11.37 6.19 -9.77
C LEU A 112 -11.37 6.87 -8.41
N ASN A 113 -12.52 6.83 -7.75
CA ASN A 113 -12.77 7.72 -6.64
C ASN A 113 -13.46 7.05 -5.48
N HIS A 114 -14.29 6.06 -5.76
CA HIS A 114 -15.07 5.43 -4.69
C HIS A 114 -14.22 4.73 -3.66
N ILE A 115 -14.77 4.58 -2.46
CA ILE A 115 -14.14 3.82 -1.37
C ILE A 115 -15.26 3.12 -0.59
N THR A 116 -14.91 2.14 0.22
CA THR A 116 -15.91 1.46 1.01
C THR A 116 -16.19 2.35 2.22
N ASN A 117 -17.44 2.39 2.65
CA ASN A 117 -17.77 3.20 3.82
C ASN A 117 -16.84 2.75 4.92
N THR A 118 -16.32 3.71 5.64
CA THR A 118 -15.30 3.43 6.63
C THR A 118 -15.50 4.54 7.65
N SER A 119 -15.01 4.36 8.86
CA SER A 119 -15.15 5.45 9.77
C SER A 119 -13.90 5.57 10.61
N LEU A 120 -13.81 6.59 11.46
CA LEU A 120 -12.59 6.83 12.19
C LEU A 120 -12.57 6.04 13.49
N ASN A 121 -11.61 5.13 13.67
CA ASN A 121 -11.58 4.25 14.83
C ASN A 121 -10.20 3.71 15.05
N LEU A 122 -9.86 3.42 16.29
CA LEU A 122 -8.66 2.71 16.58
C LEU A 122 -8.86 1.41 15.86
N PHE A 123 -7.78 0.79 15.40
CA PHE A 123 -7.89 -0.53 14.81
C PHE A 123 -7.78 -1.55 15.91
N HIS A 124 -8.68 -2.53 15.87
CA HIS A 124 -8.53 -3.60 16.85
C HIS A 124 -8.54 -5.02 16.24
N ASP A 125 -9.61 -5.30 15.52
CA ASP A 125 -10.00 -6.65 15.30
C ASP A 125 -10.37 -6.85 13.84
N ASP A 126 -10.93 -5.82 13.23
CA ASP A 126 -11.78 -6.02 12.08
C ASP A 126 -10.96 -6.30 10.83
N ILE A 127 -10.44 -7.51 10.74
CA ILE A 127 -9.75 -7.95 9.54
C ILE A 127 -10.67 -7.86 8.36
N HIS A 128 -11.95 -7.96 8.62
CA HIS A 128 -12.89 -7.96 7.51
C HIS A 128 -12.96 -6.58 6.95
N HIS A 129 -12.65 -5.61 7.81
CA HIS A 129 -12.68 -4.24 7.33
C HIS A 129 -11.36 -3.97 6.56
N VAL A 130 -10.25 -4.53 7.06
CA VAL A 130 -9.03 -4.51 6.29
C VAL A 130 -9.20 -5.20 4.90
N ARG A 131 -9.68 -6.45 4.87
CA ARG A 131 -9.96 -7.09 3.60
C ARG A 131 -10.90 -6.26 2.74
N LYS A 132 -12.01 -5.78 3.28
CA LYS A 132 -12.98 -5.11 2.37
C LYS A 132 -12.42 -3.84 1.80
N SER A 133 -11.56 -3.18 2.57
CA SER A 133 -11.00 -1.90 2.12
C SER A 133 -10.05 -2.17 1.00
N MET A 134 -9.27 -3.25 1.13
CA MET A 134 -8.35 -3.64 0.06
C MET A 134 -9.14 -4.02 -1.16
N GLU A 135 -10.18 -4.83 -0.98
CA GLU A 135 -11.03 -5.21 -2.11
C GLU A 135 -11.59 -3.99 -2.81
N VAL A 136 -12.25 -3.12 -2.08
CA VAL A 136 -12.99 -2.02 -2.72
C VAL A 136 -12.11 -0.85 -3.13
N ASN A 137 -11.22 -0.43 -2.23
CA ASN A 137 -10.51 0.80 -2.52
C ASN A 137 -9.36 0.48 -3.46
N PHE A 138 -8.89 -0.76 -3.42
CA PHE A 138 -7.73 -1.06 -4.16
C PHE A 138 -8.01 -2.04 -5.34
N LEU A 139 -8.38 -3.28 -5.00
CA LEU A 139 -8.53 -4.28 -6.04
C LEU A 139 -9.50 -3.84 -7.13
N SER A 140 -10.61 -3.25 -6.72
CA SER A 140 -11.60 -2.89 -7.72
C SER A 140 -11.01 -1.89 -8.71
N TYR A 141 -9.93 -1.21 -8.33
CA TYR A 141 -9.40 -0.14 -9.17
C TYR A 141 -8.56 -0.80 -10.24
N VAL A 142 -7.89 -1.87 -9.82
CA VAL A 142 -7.07 -2.64 -10.71
C VAL A 142 -8.01 -3.27 -11.73
N VAL A 143 -9.07 -3.93 -11.24
CA VAL A 143 -10.09 -4.45 -12.13
C VAL A 143 -10.67 -3.41 -13.08
N LEU A 144 -10.95 -2.21 -12.59
CA LEU A 144 -11.51 -1.22 -13.47
C LEU A 144 -10.48 -0.85 -14.52
N THR A 145 -9.23 -0.66 -14.11
CA THR A 145 -8.21 -0.25 -15.08
C THR A 145 -8.03 -1.32 -16.16
N VAL A 146 -7.92 -2.58 -15.75
CA VAL A 146 -7.73 -3.66 -16.69
C VAL A 146 -8.85 -3.63 -17.73
N ALA A 147 -10.09 -3.60 -17.26
CA ALA A 147 -11.22 -3.55 -18.19
C ALA A 147 -11.19 -2.36 -19.10
N ALA A 148 -10.55 -1.25 -18.72
CA ALA A 148 -10.68 -0.01 -19.50
C ALA A 148 -9.47 0.27 -20.31
N LEU A 149 -8.42 -0.51 -20.13
CA LEU A 149 -7.16 -0.19 -20.80
C LEU A 149 -7.24 -0.34 -22.30
N PRO A 150 -7.99 -1.34 -22.79
CA PRO A 150 -8.03 -1.31 -24.26
C PRO A 150 -8.62 0.00 -24.81
N MET A 151 -9.70 0.52 -24.25
CA MET A 151 -10.21 1.75 -24.85
C MET A 151 -9.30 2.91 -24.60
N LEU A 152 -8.63 2.89 -23.46
CA LEU A 152 -7.82 4.03 -23.14
C LEU A 152 -6.60 4.09 -24.08
N LYS A 153 -6.10 2.92 -24.48
CA LYS A 153 -4.91 2.90 -25.36
C LYS A 153 -5.29 3.57 -26.66
N GLN A 154 -6.41 3.08 -27.16
CA GLN A 154 -7.04 3.52 -28.36
C GLN A 154 -7.28 5.01 -28.38
N SER A 155 -7.45 5.61 -27.21
CA SER A 155 -7.63 7.06 -27.17
C SER A 155 -6.45 7.83 -26.62
N ASN A 156 -5.42 7.11 -26.17
CA ASN A 156 -4.32 7.76 -25.45
C ASN A 156 -4.85 8.57 -24.28
N GLY A 157 -5.77 7.99 -23.52
CA GLY A 157 -6.37 8.75 -22.45
C GLY A 157 -5.58 8.72 -21.15
N SER A 158 -6.35 8.77 -20.05
CA SER A 158 -5.83 9.02 -18.70
C SER A 158 -6.58 8.24 -17.66
N ILE A 159 -5.85 7.67 -16.71
CA ILE A 159 -6.47 7.07 -15.56
C ILE A 159 -6.20 8.00 -14.38
N VAL A 160 -7.24 8.37 -13.64
CA VAL A 160 -7.06 9.20 -12.46
C VAL A 160 -7.44 8.47 -11.20
N VAL A 161 -6.51 8.38 -10.26
CA VAL A 161 -6.66 7.61 -9.02
C VAL A 161 -6.73 8.52 -7.80
N VAL A 162 -7.85 8.52 -7.10
CA VAL A 162 -8.00 9.49 -6.04
C VAL A 162 -7.46 8.94 -4.76
N SER A 163 -6.54 9.69 -4.16
CA SER A 163 -5.94 9.29 -2.90
C SER A 163 -5.95 10.38 -1.80
N SER A 164 -5.09 10.23 -0.80
CA SER A 164 -5.11 10.99 0.40
C SER A 164 -3.72 11.16 0.97
N LEU A 165 -3.49 12.26 1.72
CA LEU A 165 -2.29 12.41 2.47
C LEU A 165 -2.02 11.15 3.26
N ALA A 166 -3.09 10.46 3.64
CA ALA A 166 -2.92 9.25 4.45
C ALA A 166 -2.50 8.05 3.60
N GLY A 167 -2.34 8.27 2.30
CA GLY A 167 -1.72 7.24 1.48
C GLY A 167 -0.35 7.69 1.05
N LYS A 168 0.22 8.66 1.75
CA LYS A 168 1.59 9.14 1.56
C LYS A 168 2.27 9.29 2.93
N VAL A 169 1.51 9.42 4.01
CA VAL A 169 2.11 9.52 5.37
C VAL A 169 1.22 8.78 6.39
N ALA A 170 1.72 8.40 7.56
CA ALA A 170 0.89 7.61 8.47
C ALA A 170 -0.14 8.49 9.23
N TYR A 171 -1.26 7.92 9.66
CA TYR A 171 -2.16 8.63 10.57
C TYR A 171 -2.84 7.61 11.46
N PRO A 172 -3.13 7.94 12.73
CA PRO A 172 -4.02 7.10 13.57
C PRO A 172 -5.46 7.11 13.09
N MET A 173 -6.22 6.07 13.45
CA MET A 173 -7.67 6.08 13.24
C MET A 173 -8.12 5.67 11.82
N VAL A 174 -7.19 5.55 10.89
CA VAL A 174 -7.52 5.10 9.55
C VAL A 174 -6.56 4.01 8.99
N ALA A 175 -6.23 2.99 9.78
CA ALA A 175 -5.20 2.01 9.35
C ALA A 175 -5.62 1.25 8.10
N ALA A 176 -6.75 0.58 8.21
CA ALA A 176 -7.24 -0.17 7.08
C ALA A 176 -7.19 0.70 5.87
N TYR A 177 -7.80 1.86 5.93
CA TYR A 177 -7.97 2.77 4.77
C TYR A 177 -6.60 3.18 4.26
N SER A 178 -5.72 3.42 5.19
CA SER A 178 -4.48 3.98 4.79
C SER A 178 -3.71 2.88 4.02
N ALA A 179 -3.78 1.65 4.53
CA ALA A 179 -3.15 0.50 3.81
C ALA A 179 -3.61 0.49 2.35
N SER A 180 -4.90 0.66 2.19
CA SER A 180 -5.44 0.52 0.89
C SER A 180 -4.99 1.68 0.04
N LYS A 181 -4.76 2.85 0.64
CA LYS A 181 -4.30 3.98 -0.19
C LYS A 181 -2.83 3.90 -0.57
N PHE A 182 -1.96 3.52 0.38
CA PHE A 182 -0.57 3.29 0.04
C PHE A 182 -0.54 2.32 -1.14
N ALA A 183 -1.33 1.25 -1.05
CA ALA A 183 -1.26 0.21 -2.07
C ALA A 183 -1.51 0.83 -3.40
N LEU A 184 -2.49 1.73 -3.48
CA LEU A 184 -2.68 2.45 -4.75
C LEU A 184 -1.44 3.14 -5.27
N ASP A 185 -0.61 3.67 -4.38
CA ASP A 185 0.59 4.35 -4.81
C ASP A 185 1.54 3.31 -5.42
N GLY A 186 1.84 2.25 -4.64
CA GLY A 186 2.66 1.10 -5.11
C GLY A 186 2.17 0.57 -6.47
N PHE A 187 0.93 0.14 -6.54
CA PHE A 187 0.50 -0.41 -7.80
C PHE A 187 0.60 0.60 -8.92
N PHE A 188 -0.31 1.56 -8.95
CA PHE A 188 -0.33 2.53 -10.00
C PHE A 188 0.99 3.26 -10.36
N SER A 189 1.89 3.47 -9.40
CA SER A 189 3.13 4.14 -9.76
C SER A 189 4.07 3.15 -10.48
N SER A 190 3.92 1.88 -10.12
CA SER A 190 4.70 0.83 -10.77
CA SER A 190 4.70 0.86 -10.77
C SER A 190 4.24 0.65 -12.21
N ILE A 191 2.95 0.46 -12.44
CA ILE A 191 2.64 0.23 -13.82
C ILE A 191 2.89 1.47 -14.63
N ARG A 192 3.00 2.64 -14.02
CA ARG A 192 3.24 3.85 -14.83
C ARG A 192 4.66 3.73 -15.39
N LYS A 193 5.57 3.23 -14.55
CA LYS A 193 6.92 2.96 -14.97
C LYS A 193 6.95 1.92 -16.09
N GLU A 194 6.05 0.96 -16.01
CA GLU A 194 5.88 -0.01 -17.06
C GLU A 194 5.30 0.59 -18.33
N TYR A 195 4.32 1.48 -18.22
CA TYR A 195 3.69 2.01 -19.43
C TYR A 195 4.73 2.79 -20.23
N SER A 196 5.68 3.35 -19.51
CA SER A 196 6.75 4.13 -20.09
C SER A 196 7.68 3.26 -20.95
N VAL A 197 8.18 2.20 -20.36
CA VAL A 197 9.00 1.33 -21.14
C VAL A 197 8.22 0.51 -22.17
N SER A 198 6.93 0.23 -22.00
CA SER A 198 6.21 -0.45 -23.07
C SER A 198 5.69 0.55 -24.08
N ARG A 199 6.11 1.80 -23.94
CA ARG A 199 5.50 2.90 -24.71
C ARG A 199 3.96 2.84 -24.78
N VAL A 200 3.29 2.53 -23.67
CA VAL A 200 1.82 2.64 -23.63
C VAL A 200 1.42 4.11 -23.43
N ASN A 201 0.65 4.69 -24.36
CA ASN A 201 0.40 6.13 -24.22
C ASN A 201 -0.81 6.49 -23.38
N VAL A 202 -0.82 5.99 -22.14
CA VAL A 202 -1.88 6.30 -21.20
C VAL A 202 -1.33 6.86 -19.88
N SER A 203 -1.81 8.05 -19.53
CA SER A 203 -1.33 8.80 -18.38
C SER A 203 -1.93 8.24 -17.09
N ILE A 204 -1.14 8.26 -16.02
CA ILE A 204 -1.64 7.91 -14.72
C ILE A 204 -1.44 9.05 -13.71
N THR A 205 -2.54 9.51 -13.11
CA THR A 205 -2.48 10.62 -12.14
C THR A 205 -2.92 10.19 -10.75
N LEU A 206 -2.03 10.32 -9.78
CA LEU A 206 -2.34 9.94 -8.40
C LEU A 206 -2.67 11.24 -7.61
N CYS A 207 -3.91 11.37 -7.13
CA CYS A 207 -4.30 12.59 -6.39
C CYS A 207 -4.18 12.42 -4.88
N VAL A 208 -3.29 13.21 -4.27
CA VAL A 208 -3.12 13.18 -2.84
C VAL A 208 -3.92 14.29 -2.15
N LEU A 209 -4.98 13.91 -1.43
CA LEU A 209 -5.90 14.90 -0.87
C LEU A 209 -5.79 15.00 0.62
N GLY A 210 -5.72 16.24 1.14
CA GLY A 210 -5.98 16.46 2.60
C GLY A 210 -7.49 16.43 2.90
N LEU A 211 -7.88 16.77 4.12
CA LEU A 211 -9.30 16.79 4.52
C LEU A 211 -10.11 17.68 3.62
N ILE A 212 -11.20 17.13 3.10
CA ILE A 212 -12.08 17.83 2.16
C ILE A 212 -13.53 17.91 2.73
N ASP A 213 -14.17 19.08 2.62
CA ASP A 213 -15.44 19.26 3.34
C ASP A 213 -16.61 18.51 2.74
N THR A 214 -16.41 17.27 2.33
CA THR A 214 -17.55 16.53 1.88
C THR A 214 -18.41 16.22 3.09
N GLU A 215 -19.67 15.96 2.79
CA GLU A 215 -20.69 15.61 3.75
C GLU A 215 -20.21 14.58 4.76
N THR A 216 -19.64 13.48 4.26
CA THR A 216 -19.34 12.30 5.05
C THR A 216 -18.16 12.53 5.95
N ALA A 217 -17.20 13.30 5.43
CA ALA A 217 -16.01 13.64 6.18
C ALA A 217 -16.36 14.57 7.33
N MET A 218 -17.14 15.60 7.02
CA MET A 218 -17.50 16.61 8.00
C MET A 218 -18.31 15.94 9.09
N LYS A 219 -19.22 15.05 8.69
CA LYS A 219 -19.94 14.32 9.70
C LYS A 219 -18.99 13.57 10.64
N ALA A 220 -17.89 13.04 10.15
CA ALA A 220 -17.10 12.17 10.98
C ALA A 220 -16.24 13.01 11.88
N VAL A 221 -16.04 14.24 11.50
CA VAL A 221 -15.15 15.09 12.30
C VAL A 221 -15.90 16.27 12.95
N SER A 222 -17.03 16.01 13.60
CA SER A 222 -17.92 17.07 14.10
C SER A 222 -17.40 17.82 15.33
N GLY A 223 -16.89 17.09 16.30
CA GLY A 223 -16.33 17.71 17.52
C GLY A 223 -15.24 18.74 17.27
N HIS A 226 -11.47 22.03 14.86
CA HIS A 226 -10.11 22.55 14.74
C HIS A 226 -9.33 22.08 13.47
N MET A 227 -9.76 20.96 12.88
CA MET A 227 -9.19 20.49 11.62
C MET A 227 -9.73 21.33 10.47
N GLN A 228 -8.86 21.87 9.64
CA GLN A 228 -9.33 22.77 8.59
C GLN A 228 -9.68 22.02 7.31
N ALA A 229 -10.95 21.88 6.95
CA ALA A 229 -11.24 21.17 5.71
C ALA A 229 -11.14 22.05 4.46
N ALA A 230 -10.80 21.48 3.32
CA ALA A 230 -10.69 22.26 2.10
C ALA A 230 -11.94 22.03 1.26
N PRO A 231 -12.22 22.93 0.34
CA PRO A 231 -13.53 22.87 -0.32
C PRO A 231 -13.70 21.81 -1.42
N LYS A 232 -14.68 20.93 -1.23
CA LYS A 232 -14.90 19.92 -2.21
C LYS A 232 -14.89 20.37 -3.64
N GLU A 233 -15.18 21.63 -3.93
CA GLU A 233 -15.54 21.92 -5.33
C GLU A 233 -14.27 22.22 -6.07
N GLU A 234 -13.39 22.92 -5.38
CA GLU A 234 -12.17 23.29 -6.01
C GLU A 234 -11.30 22.03 -6.06
N CYS A 235 -11.41 21.20 -5.04
CA CYS A 235 -10.61 20.04 -4.96
C CYS A 235 -10.91 19.19 -6.22
N ALA A 236 -12.20 18.92 -6.42
CA ALA A 236 -12.67 18.16 -7.53
C ALA A 236 -12.15 18.78 -8.80
N LEU A 237 -12.00 20.11 -8.83
CA LEU A 237 -11.55 20.74 -10.07
C LEU A 237 -10.06 20.50 -10.24
N GLU A 238 -9.32 20.47 -9.14
CA GLU A 238 -7.91 20.28 -9.30
C GLU A 238 -7.56 18.88 -9.85
N ILE A 239 -8.30 17.87 -9.37
CA ILE A 239 -8.13 16.51 -9.80
C ILE A 239 -8.26 16.43 -11.31
N ILE A 240 -9.36 16.98 -11.81
CA ILE A 240 -9.63 16.96 -13.26
C ILE A 240 -8.58 17.73 -14.07
N LYS A 241 -8.01 18.72 -13.43
CA LYS A 241 -7.02 19.58 -14.02
C LYS A 241 -5.73 18.76 -14.09
N GLY A 242 -5.38 18.05 -13.02
CA GLY A 242 -4.15 17.30 -13.03
C GLY A 242 -4.23 16.17 -14.03
N GLY A 243 -5.41 15.57 -14.13
CA GLY A 243 -5.65 14.49 -15.06
C GLY A 243 -5.50 14.93 -16.50
N ALA A 244 -6.26 15.95 -16.87
CA ALA A 244 -6.23 16.44 -18.24
C ALA A 244 -4.82 16.85 -18.61
N LEU A 245 -4.05 17.37 -17.67
CA LEU A 245 -2.70 17.77 -18.02
C LEU A 245 -1.77 16.57 -17.89
N ARG A 246 -2.32 15.39 -17.62
CA ARG A 246 -1.46 14.21 -17.52
C ARG A 246 -0.30 14.39 -16.56
N GLN A 247 -0.50 14.99 -15.39
CA GLN A 247 0.56 15.01 -14.35
C GLN A 247 0.62 13.73 -13.52
N GLU A 248 1.78 13.47 -12.97
CA GLU A 248 1.96 12.28 -12.17
C GLU A 248 1.21 12.36 -10.86
N GLU A 249 1.29 13.50 -10.17
CA GLU A 249 0.52 13.67 -8.93
C GLU A 249 -0.18 15.03 -8.84
N VAL A 250 -1.17 15.12 -7.97
CA VAL A 250 -1.84 16.35 -7.69
C VAL A 250 -1.82 16.37 -6.17
N TYR A 251 -1.30 17.44 -5.58
CA TYR A 251 -1.50 17.60 -4.15
C TYR A 251 -2.54 18.69 -3.89
N TYR A 252 -3.47 18.41 -2.97
CA TYR A 252 -4.46 19.40 -2.60
C TYR A 252 -4.82 19.34 -1.13
N ASP A 253 -4.48 20.40 -0.43
CA ASP A 253 -4.75 20.51 1.00
C ASP A 253 -4.93 21.98 1.40
N SER A 254 -5.71 22.24 2.44
CA SER A 254 -5.90 23.64 2.82
C SER A 254 -4.59 24.31 3.31
N SER A 255 -3.66 23.52 3.82
CA SER A 255 -2.45 24.08 4.40
C SER A 255 -1.31 24.21 3.40
N LEU A 256 -0.62 25.34 3.37
CA LEU A 256 0.48 25.46 2.44
C LEU A 256 1.74 24.76 2.90
N TRP A 257 1.90 24.64 4.20
CA TRP A 257 2.99 23.85 4.71
C TRP A 257 2.87 22.44 4.13
N THR A 258 1.67 21.91 4.24
CA THR A 258 1.42 20.57 3.87
C THR A 258 1.61 20.43 2.38
N THR A 259 1.00 21.29 1.61
CA THR A 259 1.10 21.07 0.21
C THR A 259 2.58 21.14 -0.22
N LEU A 260 3.44 21.72 0.61
CA LEU A 260 4.85 21.82 0.23
C LEU A 260 5.62 20.60 0.74
N LEU A 261 5.38 20.25 1.98
CA LEU A 261 6.08 19.16 2.56
C LEU A 261 5.68 17.81 1.97
N ILE A 262 4.55 17.73 1.30
CA ILE A 262 4.07 16.42 0.97
C ILE A 262 4.82 15.85 -0.24
N ARG A 263 5.35 16.73 -1.06
CA ARG A 263 6.17 16.37 -2.18
C ARG A 263 7.34 15.55 -1.72
N ASN A 264 7.77 14.62 -2.58
CA ASN A 264 8.93 13.77 -2.26
C ASN A 264 9.85 13.66 -3.46
N PRO A 265 10.74 14.63 -3.60
CA PRO A 265 11.51 14.80 -4.83
C PRO A 265 12.72 13.81 -4.86
N SER A 266 13.22 13.45 -3.68
CA SER A 266 14.13 12.35 -3.52
C SER A 266 13.64 11.08 -4.18
N ARG A 267 12.47 10.60 -3.75
CA ARG A 267 11.88 9.43 -4.34
C ARG A 267 11.94 9.51 -5.85
N LYS A 268 11.58 10.64 -6.46
CA LYS A 268 11.66 10.71 -7.92
C LYS A 268 13.12 10.59 -8.43
N ILE A 269 14.07 10.97 -7.58
CA ILE A 269 15.46 10.82 -7.87
C ILE A 269 15.88 9.33 -7.90
N LEU A 270 15.84 8.62 -6.76
CA LEU A 270 16.03 7.16 -6.78
C LEU A 270 15.38 6.46 -7.98
N GLU A 271 14.11 6.70 -8.19
CA GLU A 271 13.41 6.03 -9.26
C GLU A 271 14.12 6.29 -10.56
N PHE A 272 14.74 7.44 -10.69
CA PHE A 272 15.43 7.80 -11.94
C PHE A 272 16.89 7.30 -11.86
N LEU A 273 17.43 7.23 -10.67
CA LEU A 273 18.74 6.66 -10.52
C LEU A 273 18.68 5.14 -10.71
N TYR A 274 17.53 4.63 -11.17
CA TYR A 274 17.44 3.22 -11.63
C TYR A 274 16.91 3.09 -13.04
N SER A 275 15.96 3.96 -13.37
CA SER A 275 15.32 3.99 -14.68
C SER A 275 16.34 3.85 -15.79
N THR A 276 17.19 4.88 -15.92
CA THR A 276 18.28 4.89 -16.88
C THR A 276 19.41 4.01 -16.36
N SER A 277 19.60 4.00 -15.05
CA SER A 277 20.66 3.17 -14.48
C SER A 277 20.54 1.64 -14.71
N TYR A 278 19.56 1.19 -15.52
CA TYR A 278 19.38 -0.25 -15.84
C TYR A 278 18.51 -0.55 -17.06
N ASN A 279 18.48 -1.82 -17.49
CA ASN A 279 17.84 -2.16 -18.76
C ASN A 279 16.64 -3.10 -18.73
N MET A 280 15.54 -2.65 -19.33
CA MET A 280 14.28 -3.40 -19.33
C MET A 280 13.90 -4.03 -20.67
N ASP A 281 14.89 -4.27 -21.53
CA ASP A 281 14.63 -4.72 -22.89
C ASP A 281 14.06 -6.13 -22.90
N ARG A 282 14.53 -6.91 -21.94
CA ARG A 282 14.19 -8.33 -21.80
C ARG A 282 12.68 -8.57 -21.58
N PHE A 283 12.11 -7.71 -20.73
CA PHE A 283 10.70 -7.74 -20.36
C PHE A 283 9.76 -6.87 -21.23
N GLN B 15 9.96 5.01 20.52
CA GLN B 15 11.30 5.41 21.04
C GLN B 15 12.35 4.28 21.03
N PRO B 16 13.42 4.42 20.23
CA PRO B 16 14.42 3.35 20.27
C PRO B 16 15.07 3.18 21.65
N LEU B 17 15.29 1.94 22.10
CA LEU B 17 16.20 1.76 23.22
C LEU B 17 17.47 2.48 22.82
N ASN B 18 17.98 3.34 23.71
CA ASN B 18 19.20 4.08 23.37
C ASN B 18 20.48 3.41 23.86
N GLU B 19 20.62 2.12 23.52
CA GLU B 19 21.85 1.35 23.70
C GLU B 19 22.42 1.05 22.33
N GLU B 20 23.53 0.33 22.30
CA GLU B 20 24.02 -0.18 21.04
C GLU B 20 23.71 -1.66 21.02
N PHE B 21 23.74 -2.27 19.84
CA PHE B 21 23.33 -3.67 19.76
C PHE B 21 24.33 -4.65 20.39
N ARG B 22 23.81 -5.65 21.09
CA ARG B 22 24.65 -6.73 21.57
C ARG B 22 23.85 -8.05 21.63
N PRO B 23 24.45 -9.16 21.12
CA PRO B 23 23.79 -10.45 20.97
C PRO B 23 22.99 -10.87 22.19
N GLU B 24 23.38 -10.35 23.34
CA GLU B 24 22.74 -10.69 24.61
C GLU B 24 21.28 -10.39 24.57
N MET B 25 20.92 -9.32 23.87
CA MET B 25 19.55 -8.83 23.85
C MET B 25 18.55 -9.91 23.44
N LEU B 26 19.01 -10.83 22.59
CA LEU B 26 18.15 -11.88 22.01
C LEU B 26 18.05 -13.15 22.83
N GLN B 27 19.12 -13.48 23.55
CA GLN B 27 19.20 -14.70 24.39
C GLN B 27 18.03 -14.89 25.36
N GLY B 28 17.29 -15.98 25.18
CA GLY B 28 16.16 -16.32 26.06
C GLY B 28 14.85 -15.72 25.59
N LYS B 29 14.94 -14.86 24.57
CA LYS B 29 13.78 -14.16 23.99
C LYS B 29 12.93 -15.09 23.12
N LYS B 30 11.63 -14.86 23.03
CA LYS B 30 10.80 -15.82 22.32
C LYS B 30 10.30 -15.40 20.93
N VAL B 31 11.18 -15.46 19.94
CA VAL B 31 10.89 -14.98 18.61
C VAL B 31 9.94 -15.89 17.82
N ILE B 32 9.59 -15.45 16.60
CA ILE B 32 8.92 -16.26 15.58
C ILE B 32 9.39 -15.67 14.30
N VAL B 33 9.91 -16.50 13.40
CA VAL B 33 10.19 -16.06 12.05
C VAL B 33 9.25 -16.81 11.14
N THR B 34 8.63 -16.12 10.18
CA THR B 34 7.88 -16.73 9.08
C THR B 34 8.76 -16.67 7.81
N GLY B 35 8.36 -17.40 6.77
CA GLY B 35 9.21 -17.55 5.59
C GLY B 35 10.59 -18.06 5.95
N ALA B 36 10.65 -18.97 6.91
CA ALA B 36 11.94 -19.37 7.49
C ALA B 36 12.59 -20.60 6.83
N SER B 37 11.91 -21.14 5.82
CA SER B 37 12.36 -22.31 5.15
C SER B 37 13.61 -22.01 4.29
N LYS B 38 13.70 -20.82 3.70
CA LYS B 38 14.92 -20.43 2.96
C LYS B 38 15.30 -18.94 3.06
N GLY B 39 16.16 -18.49 2.14
CA GLY B 39 16.57 -17.10 2.04
C GLY B 39 16.79 -16.31 3.32
N ILE B 40 16.41 -15.03 3.27
CA ILE B 40 16.53 -14.11 4.39
C ILE B 40 15.92 -14.72 5.65
N GLY B 41 14.72 -15.26 5.53
CA GLY B 41 14.07 -15.81 6.71
C GLY B 41 14.93 -16.88 7.37
N ARG B 42 15.54 -17.73 6.56
CA ARG B 42 16.26 -18.83 7.15
C ARG B 42 17.38 -18.23 7.96
N GLU B 43 18.23 -17.43 7.29
CA GLU B 43 19.38 -16.84 7.95
C GLU B 43 18.94 -16.23 9.28
N MET B 44 17.77 -15.61 9.30
CA MET B 44 17.35 -14.99 10.54
C MET B 44 17.20 -16.01 11.62
N ALA B 45 16.56 -17.13 11.34
CA ALA B 45 16.44 -18.14 12.41
C ALA B 45 17.82 -18.55 12.91
N TYR B 46 18.79 -18.61 12.01
CA TYR B 46 20.10 -19.08 12.42
C TYR B 46 20.76 -18.10 13.39
N HIS B 47 20.99 -16.86 12.91
CA HIS B 47 21.42 -15.77 13.78
C HIS B 47 20.67 -15.88 15.10
N LEU B 48 19.36 -16.02 15.05
CA LEU B 48 18.61 -16.10 16.28
C LEU B 48 19.13 -17.23 17.14
N ALA B 49 19.37 -18.36 16.47
CA ALA B 49 19.91 -19.54 17.11
C ALA B 49 21.26 -19.22 17.77
N LYS B 50 22.21 -18.75 16.97
CA LYS B 50 23.54 -18.42 17.49
C LYS B 50 23.44 -17.50 18.73
N MET B 51 22.29 -16.87 18.98
CA MET B 51 22.15 -15.96 20.12
C MET B 51 21.40 -16.63 21.26
N GLY B 52 20.95 -17.85 21.04
CA GLY B 52 20.29 -18.61 22.08
C GLY B 52 18.86 -18.17 22.28
N ALA B 53 18.20 -17.81 21.19
CA ALA B 53 16.79 -17.51 21.30
C ALA B 53 15.95 -18.80 21.31
N HIS B 54 14.74 -18.72 21.89
CA HIS B 54 13.67 -19.66 21.58
C HIS B 54 12.97 -19.35 20.23
N VAL B 55 13.46 -19.93 19.12
CA VAL B 55 12.84 -19.78 17.80
C VAL B 55 11.68 -20.74 17.55
N VAL B 56 10.67 -20.28 16.80
CA VAL B 56 9.63 -21.17 16.30
C VAL B 56 9.34 -20.87 14.84
N VAL B 57 10.11 -21.49 13.95
CA VAL B 57 10.03 -21.25 12.54
C VAL B 57 8.72 -21.66 11.80
N THR B 58 8.56 -21.17 10.56
CA THR B 58 7.40 -21.49 9.72
C THR B 58 7.60 -21.22 8.21
N ALA B 59 6.91 -22.00 7.37
CA ALA B 59 7.09 -22.01 5.91
C ALA B 59 6.20 -23.15 5.34
N ARG B 60 6.02 -23.25 4.04
CA ARG B 60 5.28 -24.40 3.56
C ARG B 60 6.19 -25.66 3.65
N SER B 61 7.50 -25.53 3.44
CA SER B 61 8.35 -26.73 3.29
C SER B 61 8.67 -27.49 4.57
N LYS B 62 7.83 -28.47 4.93
CA LYS B 62 7.95 -29.16 6.22
C LYS B 62 9.21 -29.98 6.36
N GLU B 63 9.60 -30.70 5.31
CA GLU B 63 10.87 -31.41 5.40
C GLU B 63 12.03 -30.42 5.58
N THR B 64 11.89 -29.25 4.98
CA THR B 64 13.01 -28.31 5.01
C THR B 64 13.06 -27.57 6.33
N LEU B 65 11.89 -27.35 6.90
CA LEU B 65 11.80 -26.67 8.17
C LEU B 65 12.63 -27.51 9.16
N GLN B 66 12.43 -28.82 9.16
CA GLN B 66 13.13 -29.68 10.12
C GLN B 66 14.62 -29.49 10.09
N LYS B 67 15.17 -29.54 8.88
CA LYS B 67 16.59 -29.32 8.66
C LYS B 67 17.03 -28.04 9.36
N VAL B 68 16.23 -27.00 9.16
CA VAL B 68 16.49 -25.70 9.72
C VAL B 68 16.40 -25.76 11.25
N VAL B 69 15.27 -26.25 11.78
CA VAL B 69 15.14 -26.37 13.22
C VAL B 69 16.36 -27.09 13.72
N SER B 70 16.59 -28.25 13.13
CA SER B 70 17.68 -29.12 13.55
C SER B 70 19.00 -28.36 13.60
N HIS B 71 19.36 -27.66 12.52
CA HIS B 71 20.61 -26.89 12.48
C HIS B 71 20.55 -25.65 13.38
N CYS B 72 19.38 -25.39 13.96
CA CYS B 72 19.29 -24.28 14.89
C CYS B 72 19.65 -24.72 16.28
N LEU B 73 19.16 -25.91 16.64
CA LEU B 73 19.55 -26.59 17.86
C LEU B 73 21.06 -26.79 17.86
N GLU B 74 21.61 -27.07 16.69
CA GLU B 74 23.05 -27.25 16.55
C GLU B 74 23.77 -25.95 16.82
N LEU B 75 23.18 -24.83 16.41
CA LEU B 75 23.86 -23.53 16.58
C LEU B 75 23.69 -22.92 17.99
N GLY B 76 22.72 -23.43 18.74
CA GLY B 76 22.61 -23.08 20.16
C GLY B 76 21.24 -22.67 20.67
N ALA B 77 20.19 -22.84 19.89
CA ALA B 77 18.89 -22.30 20.28
C ALA B 77 18.49 -22.65 21.72
N ALA B 78 17.88 -21.71 22.43
CA ALA B 78 17.29 -22.08 23.71
C ALA B 78 16.39 -23.24 23.41
N SER B 79 15.78 -23.18 22.23
CA SER B 79 14.70 -24.10 21.83
C SER B 79 14.31 -23.76 20.39
N ALA B 80 13.67 -24.70 19.69
CA ALA B 80 13.45 -24.54 18.24
C ALA B 80 12.42 -25.52 17.65
N HIS B 81 11.36 -24.96 17.07
CA HIS B 81 10.29 -25.75 16.49
C HIS B 81 9.88 -25.17 15.17
N TYR B 82 9.02 -25.90 14.47
CA TYR B 82 8.51 -25.43 13.22
C TYR B 82 7.11 -25.92 13.10
N ILE B 83 6.32 -25.25 12.29
CA ILE B 83 4.94 -25.59 12.06
C ILE B 83 4.88 -25.25 10.59
N ALA B 84 4.12 -26.01 9.80
CA ALA B 84 4.24 -25.82 8.38
C ALA B 84 2.85 -25.58 7.91
N GLY B 85 2.67 -24.53 7.11
CA GLY B 85 1.32 -24.14 6.69
C GLY B 85 1.41 -23.16 5.54
N THR B 86 0.29 -22.84 4.94
CA THR B 86 0.35 -21.84 3.91
C THR B 86 -0.31 -20.57 4.42
N MET B 87 0.37 -19.45 4.25
CA MET B 87 -0.21 -18.20 4.72
C MET B 87 -1.31 -17.74 3.79
N GLU B 88 -1.67 -18.55 2.80
CA GLU B 88 -2.87 -18.24 2.01
C GLU B 88 -4.04 -18.44 2.93
N ASP B 89 -3.81 -19.17 4.00
CA ASP B 89 -4.94 -19.61 4.77
C ASP B 89 -4.96 -18.85 6.07
N MET B 90 -5.96 -18.00 6.22
CA MET B 90 -6.06 -17.11 7.37
C MET B 90 -6.13 -17.92 8.67
N THR B 91 -6.89 -19.00 8.67
CA THR B 91 -7.06 -19.82 9.84
C THR B 91 -5.70 -20.37 10.21
N PHE B 92 -5.02 -21.01 9.28
CA PHE B 92 -3.70 -21.50 9.67
C PHE B 92 -2.96 -20.37 10.35
N ALA B 93 -2.99 -19.17 9.78
CA ALA B 93 -2.12 -18.10 10.24
C ALA B 93 -2.44 -17.73 11.70
N GLU B 94 -3.74 -17.66 11.99
CA GLU B 94 -4.27 -17.37 13.31
C GLU B 94 -3.90 -18.44 14.31
N GLN B 95 -4.21 -19.68 13.99
CA GLN B 95 -3.96 -20.74 14.94
C GLN B 95 -2.47 -20.92 15.11
N PHE B 96 -1.77 -20.74 14.02
CA PHE B 96 -0.35 -20.93 14.09
C PHE B 96 0.21 -20.17 15.27
N VAL B 97 -0.23 -18.92 15.41
CA VAL B 97 0.37 -18.03 16.39
C VAL B 97 0.08 -18.54 17.81
N ALA B 98 -1.15 -18.97 18.07
CA ALA B 98 -1.49 -19.62 19.34
C ALA B 98 -0.53 -20.78 19.62
N GLN B 99 -0.36 -21.66 18.63
CA GLN B 99 0.53 -22.78 18.85
C GLN B 99 1.94 -22.36 19.14
N ALA B 100 2.45 -21.37 18.43
CA ALA B 100 3.84 -21.03 18.62
C ALA B 100 3.94 -20.42 20.00
N GLY B 101 2.78 -20.08 20.54
CA GLY B 101 2.70 -19.51 21.88
C GLY B 101 2.93 -20.54 22.95
N LYS B 102 1.98 -21.49 23.05
CA LYS B 102 2.10 -22.63 23.93
C LYS B 102 3.50 -23.23 23.80
N LEU B 103 3.99 -23.37 22.57
CA LEU B 103 5.27 -24.05 22.35
C LEU B 103 6.45 -23.32 22.97
N MET B 104 6.30 -22.03 23.20
CA MET B 104 7.45 -21.24 23.59
C MET B 104 7.17 -20.55 24.93
N GLY B 105 5.92 -20.66 25.40
CA GLY B 105 5.47 -20.15 26.70
C GLY B 105 5.37 -18.63 26.71
N GLY B 106 4.65 -18.09 25.72
CA GLY B 106 4.65 -16.65 25.39
C GLY B 106 5.55 -16.25 24.21
N LEU B 107 5.57 -14.96 23.85
CA LEU B 107 6.34 -14.48 22.68
C LEU B 107 6.84 -13.03 22.77
N ASP B 108 8.10 -12.83 22.45
CA ASP B 108 8.71 -11.52 22.55
C ASP B 108 8.81 -10.79 21.20
N MET B 109 8.75 -11.52 20.09
CA MET B 109 9.10 -10.94 18.79
C MET B 109 8.49 -11.69 17.63
N LEU B 110 7.59 -11.03 16.93
CA LEU B 110 6.97 -11.50 15.71
C LEU B 110 7.75 -10.93 14.53
N ILE B 111 8.61 -11.73 13.91
CA ILE B 111 9.29 -11.33 12.67
C ILE B 111 8.52 -11.87 11.47
N LEU B 112 8.00 -10.95 10.65
CA LEU B 112 7.05 -11.26 9.58
C LEU B 112 7.72 -11.04 8.24
N ASN B 113 8.05 -12.12 7.54
CA ASN B 113 9.04 -12.06 6.46
C ASN B 113 8.58 -12.68 5.14
N HIS B 114 7.68 -13.65 5.24
CA HIS B 114 7.31 -14.42 4.07
C HIS B 114 6.57 -13.66 2.96
N ILE B 115 6.68 -14.16 1.74
CA ILE B 115 5.86 -13.64 0.65
C ILE B 115 5.43 -14.74 -0.37
N THR B 116 4.41 -14.46 -1.18
CA THR B 116 4.00 -15.42 -2.20
C THR B 116 4.98 -15.41 -3.37
N ASN B 117 4.92 -16.38 -4.27
CA ASN B 117 5.91 -16.35 -5.32
C ASN B 117 5.57 -15.23 -6.24
N THR B 118 6.60 -14.64 -6.81
CA THR B 118 6.31 -13.79 -7.94
C THR B 118 7.50 -13.75 -8.82
N SER B 119 7.33 -13.26 -10.03
CA SER B 119 8.48 -13.15 -10.88
C SER B 119 8.49 -11.73 -11.43
N LEU B 120 9.48 -11.40 -12.24
CA LEU B 120 9.58 -10.09 -12.82
C LEU B 120 8.88 -10.02 -14.16
N ASN B 121 7.77 -9.31 -14.22
CA ASN B 121 6.99 -9.21 -15.44
C ASN B 121 6.15 -7.96 -15.46
N LEU B 122 5.89 -7.45 -16.64
CA LEU B 122 4.94 -6.42 -16.78
C LEU B 122 3.65 -7.01 -16.32
N PHE B 123 2.82 -6.19 -15.74
CA PHE B 123 1.54 -6.61 -15.27
C PHE B 123 0.62 -6.50 -16.42
N HIS B 124 -0.19 -7.50 -16.73
CA HIS B 124 -1.15 -7.26 -17.79
CA HIS B 124 -1.14 -7.29 -17.81
C HIS B 124 -2.61 -7.42 -17.36
N ASP B 125 -2.94 -8.50 -16.69
CA ASP B 125 -4.30 -8.58 -16.26
C ASP B 125 -4.51 -9.66 -15.24
N ASP B 126 -3.44 -10.06 -14.59
CA ASP B 126 -3.58 -11.07 -13.61
C ASP B 126 -4.08 -10.52 -12.24
N ILE B 127 -5.37 -10.24 -12.16
CA ILE B 127 -5.99 -9.79 -10.95
C ILE B 127 -5.73 -10.77 -9.86
N HIS B 128 -5.71 -12.05 -10.22
CA HIS B 128 -5.59 -13.09 -9.21
C HIS B 128 -4.25 -13.01 -8.59
N HIS B 129 -3.27 -12.59 -9.37
CA HIS B 129 -1.95 -12.45 -8.76
C HIS B 129 -1.87 -11.24 -7.84
N VAL B 130 -2.62 -10.17 -8.18
CA VAL B 130 -2.63 -9.01 -7.32
C VAL B 130 -3.30 -9.40 -5.99
N ARG B 131 -4.54 -9.92 -6.08
CA ARG B 131 -5.26 -10.39 -4.88
C ARG B 131 -4.44 -11.31 -4.01
N LYS B 132 -3.80 -12.28 -4.62
CA LYS B 132 -3.06 -13.26 -3.79
C LYS B 132 -1.84 -12.62 -3.12
N SER B 133 -1.14 -11.76 -3.84
CA SER B 133 -0.05 -11.04 -3.27
C SER B 133 -0.55 -10.24 -2.06
N MET B 134 -1.70 -9.57 -2.21
CA MET B 134 -2.22 -8.80 -1.07
C MET B 134 -2.52 -9.80 0.02
N GLU B 135 -3.17 -10.90 -0.33
CA GLU B 135 -3.53 -11.82 0.73
C GLU B 135 -2.32 -12.32 1.44
N VAL B 136 -1.36 -12.86 0.71
CA VAL B 136 -0.26 -13.53 1.42
C VAL B 136 0.71 -12.53 2.07
N ASN B 137 1.09 -11.51 1.28
CA ASN B 137 2.10 -10.56 1.67
C ASN B 137 1.56 -9.55 2.64
N PHE B 138 0.25 -9.30 2.63
CA PHE B 138 -0.29 -8.25 3.51
C PHE B 138 -1.33 -8.70 4.53
N LEU B 139 -2.50 -9.15 4.04
CA LEU B 139 -3.55 -9.55 4.99
C LEU B 139 -3.05 -10.55 5.99
N SER B 140 -2.24 -11.50 5.57
CA SER B 140 -1.78 -12.52 6.54
C SER B 140 -0.95 -11.89 7.62
N TYR B 141 -0.19 -10.83 7.27
CA TYR B 141 0.65 -10.13 8.26
C TYR B 141 -0.23 -9.52 9.36
N VAL B 142 -1.37 -8.97 8.95
CA VAL B 142 -2.26 -8.35 9.88
C VAL B 142 -2.82 -9.42 10.77
N VAL B 143 -3.39 -10.46 10.16
CA VAL B 143 -3.95 -11.56 10.93
C VAL B 143 -2.89 -12.13 11.89
N LEU B 144 -1.67 -12.30 11.41
CA LEU B 144 -0.66 -12.73 12.35
C LEU B 144 -0.66 -11.71 13.47
N THR B 145 -0.71 -10.45 13.10
CA THR B 145 -0.53 -9.41 14.08
C THR B 145 -1.63 -9.47 15.13
N VAL B 146 -2.88 -9.50 14.68
CA VAL B 146 -3.99 -9.45 15.59
C VAL B 146 -3.86 -10.60 16.50
N ALA B 147 -3.33 -11.71 16.01
CA ALA B 147 -3.39 -12.91 16.85
C ALA B 147 -2.34 -12.80 17.92
N ALA B 148 -1.26 -12.11 17.61
CA ALA B 148 -0.05 -12.13 18.42
C ALA B 148 0.01 -10.94 19.39
N LEU B 149 -0.84 -9.95 19.15
CA LEU B 149 -0.80 -8.74 19.94
C LEU B 149 -0.85 -9.05 21.45
N PRO B 150 -1.91 -9.74 21.90
CA PRO B 150 -2.05 -10.10 23.31
C PRO B 150 -0.74 -10.59 23.94
N MET B 151 -0.15 -11.65 23.39
CA MET B 151 1.08 -12.09 24.00
C MET B 151 2.06 -10.95 24.05
N LEU B 152 2.26 -10.24 22.95
CA LEU B 152 3.29 -9.20 22.92
C LEU B 152 3.06 -8.08 23.96
N LYS B 153 1.81 -7.76 24.23
CA LYS B 153 1.57 -6.73 25.23
C LYS B 153 2.27 -7.17 26.51
N GLN B 154 1.89 -8.35 27.02
CA GLN B 154 2.53 -8.99 28.19
C GLN B 154 4.03 -8.85 28.26
N SER B 155 4.69 -8.76 27.12
CA SER B 155 6.14 -8.76 27.13
C SER B 155 6.74 -7.46 26.64
N ASN B 156 5.91 -6.49 26.30
CA ASN B 156 6.44 -5.28 25.67
C ASN B 156 7.31 -5.60 24.44
N GLY B 157 6.83 -6.53 23.61
CA GLY B 157 7.60 -7.06 22.49
C GLY B 157 7.72 -6.21 21.23
N SER B 158 7.95 -6.90 20.11
CA SER B 158 8.20 -6.20 18.86
C SER B 158 7.63 -6.95 17.67
N ILE B 159 7.18 -6.19 16.69
CA ILE B 159 6.74 -6.77 15.48
C ILE B 159 7.71 -6.21 14.49
N VAL B 160 8.33 -7.11 13.73
CA VAL B 160 9.26 -6.71 12.68
C VAL B 160 8.64 -7.13 11.37
N VAL B 161 8.77 -6.31 10.34
CA VAL B 161 8.01 -6.46 9.12
C VAL B 161 8.97 -6.28 7.99
N VAL B 162 9.00 -7.25 7.08
CA VAL B 162 10.04 -7.19 6.09
C VAL B 162 9.50 -6.68 4.77
N SER B 163 10.05 -5.56 4.33
CA SER B 163 9.56 -4.88 3.17
C SER B 163 10.76 -4.59 2.28
N SER B 164 10.68 -3.60 1.37
CA SER B 164 11.64 -3.40 0.30
C SER B 164 11.71 -1.95 -0.25
N LEU B 165 12.82 -1.58 -0.86
CA LEU B 165 12.83 -0.37 -1.63
C LEU B 165 11.53 -0.24 -2.41
N ALA B 166 11.03 -1.35 -2.95
CA ALA B 166 9.83 -1.25 -3.80
C ALA B 166 8.55 -1.07 -2.99
N GLY B 167 8.72 -1.04 -1.66
CA GLY B 167 7.65 -0.61 -0.79
C GLY B 167 7.84 0.82 -0.31
N LYS B 168 8.75 1.56 -0.96
CA LYS B 168 9.02 2.97 -0.69
C LYS B 168 9.08 3.77 -1.97
N VAL B 169 9.60 3.19 -3.04
CA VAL B 169 9.59 3.93 -4.27
C VAL B 169 9.13 2.97 -5.34
N ALA B 170 8.85 3.48 -6.51
CA ALA B 170 8.23 2.68 -7.53
C ALA B 170 9.25 1.96 -8.45
N TYR B 171 8.97 0.70 -8.82
CA TYR B 171 9.82 -0.04 -9.76
C TYR B 171 8.92 -0.74 -10.72
N PRO B 172 9.27 -0.76 -12.00
CA PRO B 172 8.48 -1.57 -12.90
C PRO B 172 8.66 -3.10 -12.65
N MET B 173 7.79 -3.91 -13.23
CA MET B 173 7.97 -5.36 -13.25
C MET B 173 7.57 -6.03 -11.94
N VAL B 174 7.12 -5.25 -10.94
CA VAL B 174 6.71 -5.81 -9.65
C VAL B 174 5.47 -5.12 -9.04
N ALA B 175 4.53 -4.73 -9.91
CA ALA B 175 3.35 -3.99 -9.51
C ALA B 175 2.67 -4.63 -8.30
N ALA B 176 2.07 -5.81 -8.49
CA ALA B 176 1.43 -6.55 -7.41
C ALA B 176 2.22 -6.52 -6.15
N TYR B 177 3.51 -6.73 -6.25
CA TYR B 177 4.35 -6.97 -5.08
C TYR B 177 4.52 -5.62 -4.37
N SER B 178 4.80 -4.58 -5.16
CA SER B 178 4.85 -3.21 -4.63
C SER B 178 3.56 -2.85 -3.92
N ALA B 179 2.43 -3.10 -4.60
CA ALA B 179 1.17 -2.74 -3.97
C ALA B 179 1.26 -3.28 -2.60
N SER B 180 1.69 -4.53 -2.43
CA SER B 180 1.54 -5.11 -1.12
C SER B 180 2.56 -4.57 -0.16
N LYS B 181 3.73 -4.14 -0.64
CA LYS B 181 4.76 -3.66 0.30
C LYS B 181 4.41 -2.28 0.90
N PHE B 182 3.94 -1.38 0.02
CA PHE B 182 3.38 -0.10 0.39
C PHE B 182 2.31 -0.33 1.44
N ALA B 183 1.38 -1.20 1.15
CA ALA B 183 0.31 -1.48 2.06
C ALA B 183 0.91 -1.76 3.43
N LEU B 184 2.02 -2.47 3.49
CA LEU B 184 2.46 -2.81 4.84
C LEU B 184 2.83 -1.52 5.60
N ASP B 185 3.51 -0.62 4.89
CA ASP B 185 3.96 0.66 5.41
C ASP B 185 2.74 1.43 5.95
N GLY B 186 1.78 1.63 5.08
CA GLY B 186 0.57 2.35 5.44
C GLY B 186 0.00 1.75 6.68
N PHE B 187 -0.28 0.45 6.65
CA PHE B 187 -0.96 -0.17 7.77
C PHE B 187 -0.12 -0.08 9.03
N PHE B 188 1.12 -0.55 8.96
CA PHE B 188 1.84 -0.67 10.19
C PHE B 188 2.31 0.66 10.81
N SER B 189 2.70 1.61 9.97
CA SER B 189 3.01 2.96 10.44
C SER B 189 1.75 3.54 11.08
N SER B 190 0.61 3.22 10.52
CA SER B 190 -0.58 3.78 11.09
CA SER B 190 -0.60 3.78 11.10
C SER B 190 -0.85 3.22 12.49
N ILE B 191 -0.77 1.90 12.64
CA ILE B 191 -1.05 1.42 13.97
C ILE B 191 0.05 1.88 14.88
N ARG B 192 1.22 2.18 14.35
CA ARG B 192 2.28 2.65 15.22
C ARG B 192 1.83 3.97 15.85
N LYS B 193 1.26 4.87 15.06
CA LYS B 193 0.71 6.06 15.65
C LYS B 193 -0.28 5.72 16.72
N GLU B 194 -1.16 4.75 16.44
CA GLU B 194 -2.23 4.36 17.35
C GLU B 194 -1.67 3.78 18.66
N TYR B 195 -0.62 2.96 18.55
CA TYR B 195 -0.14 2.27 19.75
C TYR B 195 0.39 3.34 20.65
N SER B 196 0.88 4.39 20.01
CA SER B 196 1.53 5.42 20.74
C SER B 196 0.49 6.30 21.46
N VAL B 197 -0.57 6.72 20.78
CA VAL B 197 -1.54 7.52 21.48
C VAL B 197 -2.43 6.65 22.35
N SER B 198 -1.97 5.45 22.69
CA SER B 198 -2.83 4.52 23.39
C SER B 198 -1.97 3.83 24.39
N ARG B 199 -0.74 4.31 24.49
CA ARG B 199 0.14 3.76 25.50
C ARG B 199 0.03 2.24 25.40
N VAL B 200 0.45 1.68 24.25
CA VAL B 200 0.53 0.23 24.05
C VAL B 200 1.96 0.01 23.64
N ASN B 201 2.72 -0.68 24.48
CA ASN B 201 4.17 -0.59 24.41
C ASN B 201 4.84 -1.66 23.56
N VAL B 202 4.35 -1.81 22.34
CA VAL B 202 4.86 -2.83 21.44
C VAL B 202 5.54 -2.14 20.26
N SER B 203 6.83 -2.36 20.04
CA SER B 203 7.46 -1.65 18.95
C SER B 203 7.10 -2.26 17.56
N ILE B 204 7.31 -1.50 16.50
CA ILE B 204 7.04 -2.01 15.20
C ILE B 204 8.16 -1.53 14.32
N THR B 205 8.92 -2.45 13.74
CA THR B 205 10.03 -2.09 12.87
C THR B 205 9.76 -2.47 11.42
N LEU B 206 9.84 -1.50 10.54
CA LEU B 206 9.63 -1.78 9.14
C LEU B 206 11.00 -1.87 8.47
N CYS B 207 11.30 -2.98 7.79
CA CYS B 207 12.64 -3.06 7.21
C CYS B 207 12.58 -2.84 5.70
N VAL B 208 13.40 -1.93 5.22
CA VAL B 208 13.34 -1.61 3.84
C VAL B 208 14.61 -2.15 3.27
N LEU B 209 14.50 -3.14 2.38
CA LEU B 209 15.67 -3.85 1.87
C LEU B 209 15.84 -3.62 0.41
N GLY B 210 17.08 -3.55 -0.02
CA GLY B 210 17.35 -3.55 -1.46
C GLY B 210 17.60 -4.98 -1.94
N LEU B 211 18.14 -5.13 -3.17
CA LEU B 211 18.51 -6.45 -3.71
C LEU B 211 19.39 -7.32 -2.81
N ILE B 212 18.84 -8.44 -2.38
CA ILE B 212 19.56 -9.34 -1.52
C ILE B 212 19.86 -10.68 -2.23
N ASP B 213 21.03 -11.27 -1.91
CA ASP B 213 21.52 -12.44 -2.68
C ASP B 213 20.88 -13.81 -2.40
N THR B 214 19.66 -13.85 -1.86
CA THR B 214 18.91 -15.08 -1.96
C THR B 214 18.91 -15.70 -3.36
N GLU B 215 18.77 -17.01 -3.26
CA GLU B 215 18.48 -17.94 -4.30
CA GLU B 215 18.58 -17.84 -4.43
C GLU B 215 17.39 -17.41 -5.24
N THR B 216 16.20 -17.23 -4.64
CA THR B 216 15.09 -16.73 -5.48
C THR B 216 15.52 -15.48 -6.22
N ALA B 217 16.04 -14.48 -5.49
CA ALA B 217 16.38 -13.23 -6.16
C ALA B 217 17.44 -13.42 -7.24
N MET B 218 18.54 -14.09 -6.87
CA MET B 218 19.58 -14.36 -7.87
C MET B 218 19.04 -15.10 -9.09
N LYS B 219 18.19 -16.09 -8.88
CA LYS B 219 17.65 -16.75 -10.04
C LYS B 219 16.93 -15.76 -10.90
N ALA B 220 16.04 -14.96 -10.33
CA ALA B 220 15.19 -14.16 -11.23
C ALA B 220 15.95 -13.06 -11.95
N VAL B 221 17.03 -12.55 -11.36
CA VAL B 221 17.74 -11.45 -12.00
C VAL B 221 18.91 -11.89 -12.86
N SER B 222 19.37 -13.13 -12.66
CA SER B 222 20.55 -13.65 -13.35
C SER B 222 20.63 -13.18 -14.82
N GLY B 223 19.53 -13.38 -15.56
CA GLY B 223 19.46 -13.10 -17.00
C GLY B 223 20.34 -11.96 -17.53
N MET B 227 22.78 -6.02 -11.73
CA MET B 227 22.83 -5.15 -10.56
C MET B 227 23.55 -5.79 -9.38
N GLN B 228 24.00 -4.97 -8.46
CA GLN B 228 24.73 -5.48 -7.31
C GLN B 228 23.78 -5.95 -6.21
N ALA B 229 23.91 -7.20 -5.78
CA ALA B 229 23.09 -7.72 -4.68
C ALA B 229 23.88 -7.61 -3.39
N ALA B 230 23.31 -7.99 -2.27
CA ALA B 230 23.98 -7.86 -0.97
C ALA B 230 23.83 -9.13 -0.13
N PRO B 231 24.72 -9.33 0.87
CA PRO B 231 24.82 -10.60 1.60
C PRO B 231 23.63 -10.92 2.48
N LYS B 232 23.01 -12.06 2.23
CA LYS B 232 21.85 -12.47 3.00
C LYS B 232 22.20 -12.68 4.46
N GLU B 233 23.45 -12.94 4.75
CA GLU B 233 23.77 -13.23 6.15
C GLU B 233 23.65 -11.98 7.02
N GLU B 234 24.15 -10.88 6.49
CA GLU B 234 24.19 -9.64 7.22
C GLU B 234 22.80 -9.00 7.18
N CYS B 235 22.22 -8.93 5.99
CA CYS B 235 20.89 -8.37 5.89
C CYS B 235 20.02 -8.90 7.04
N ALA B 236 20.11 -10.19 7.29
CA ALA B 236 19.24 -10.81 8.28
C ALA B 236 19.61 -10.30 9.67
N LEU B 237 20.89 -10.03 9.87
CA LEU B 237 21.37 -9.59 11.17
C LEU B 237 20.88 -8.16 11.40
N GLU B 238 20.99 -7.32 10.37
CA GLU B 238 20.47 -5.98 10.49
C GLU B 238 18.99 -6.07 10.88
N ILE B 239 18.20 -6.79 10.10
CA ILE B 239 16.80 -6.91 10.47
C ILE B 239 16.68 -7.15 11.97
N ILE B 240 17.52 -8.00 12.52
CA ILE B 240 17.33 -8.37 13.94
C ILE B 240 17.75 -7.27 14.90
N LYS B 241 18.72 -6.50 14.45
CA LYS B 241 19.20 -5.38 15.24
C LYS B 241 18.09 -4.32 15.34
N GLY B 242 17.65 -3.81 14.19
CA GLY B 242 16.55 -2.87 14.15
C GLY B 242 15.48 -3.27 15.14
N GLY B 243 15.13 -4.55 15.12
CA GLY B 243 13.99 -5.00 15.88
C GLY B 243 14.32 -4.95 17.34
N ALA B 244 15.54 -5.35 17.66
CA ALA B 244 15.95 -5.47 19.05
C ALA B 244 15.97 -4.07 19.65
N LEU B 245 16.65 -3.17 18.95
CA LEU B 245 16.69 -1.75 19.30
C LEU B 245 15.35 -1.00 19.16
N ARG B 246 14.26 -1.70 18.88
CA ARG B 246 12.99 -1.02 18.63
C ARG B 246 13.01 0.21 17.68
N GLN B 247 13.88 0.23 16.68
CA GLN B 247 13.81 1.29 15.69
C GLN B 247 12.51 1.27 14.87
N GLU B 248 12.06 2.42 14.42
CA GLU B 248 10.91 2.44 13.56
C GLU B 248 11.27 1.81 12.21
N GLU B 249 12.50 2.00 11.76
CA GLU B 249 12.85 1.56 10.43
C GLU B 249 14.27 1.00 10.31
N VAL B 250 14.49 0.18 9.30
CA VAL B 250 15.80 -0.25 8.94
C VAL B 250 15.93 -0.13 7.44
N TYR B 251 17.05 0.40 7.01
CA TYR B 251 17.35 0.47 5.61
C TYR B 251 18.56 -0.39 5.40
N TYR B 252 18.54 -1.26 4.41
CA TYR B 252 19.69 -2.10 4.15
C TYR B 252 19.79 -2.43 2.68
N ASP B 253 20.76 -1.79 2.04
CA ASP B 253 21.00 -1.87 0.60
C ASP B 253 22.50 -1.77 0.33
N SER B 254 22.97 -2.41 -0.72
CA SER B 254 24.40 -2.40 -0.92
C SER B 254 24.83 -1.00 -1.39
N SER B 255 23.94 -0.31 -2.09
CA SER B 255 24.22 1.07 -2.50
C SER B 255 24.23 2.03 -1.29
N LEU B 256 24.83 3.19 -1.49
CA LEU B 256 24.99 4.19 -0.41
C LEU B 256 24.17 5.46 -0.67
N TRP B 257 23.55 5.54 -1.85
CA TRP B 257 22.66 6.62 -2.25
C TRP B 257 21.32 6.45 -1.55
N THR B 258 20.84 5.21 -1.56
CA THR B 258 19.54 4.89 -1.06
C THR B 258 19.48 5.12 0.45
N THR B 259 20.39 4.46 1.15
CA THR B 259 20.46 4.52 2.59
C THR B 259 20.40 5.98 2.98
N LEU B 260 20.77 6.87 2.06
CA LEU B 260 20.83 8.26 2.42
C LEU B 260 19.72 9.01 1.76
N LEU B 261 19.32 8.57 0.57
CA LEU B 261 18.34 9.32 -0.21
C LEU B 261 16.96 8.75 0.00
N ILE B 262 16.91 7.64 0.71
CA ILE B 262 15.67 6.92 0.81
C ILE B 262 14.80 7.50 1.93
N ARG B 263 15.47 7.99 2.97
CA ARG B 263 14.79 8.47 4.18
C ARG B 263 13.94 9.73 3.87
N ASN B 264 12.76 9.85 4.48
CA ASN B 264 11.87 10.94 4.09
C ASN B 264 11.60 11.92 5.26
N PRO B 265 12.44 12.96 5.37
CA PRO B 265 12.38 13.87 6.52
C PRO B 265 11.06 14.65 6.49
N SER B 266 10.65 15.06 5.30
CA SER B 266 9.37 15.72 5.19
C SER B 266 8.26 14.86 5.78
N ARG B 267 8.21 13.57 5.43
CA ARG B 267 7.15 12.74 5.97
C ARG B 267 7.16 12.88 7.47
N LYS B 268 8.34 12.89 8.06
CA LYS B 268 8.46 12.88 9.50
C LYS B 268 7.89 14.19 10.07
N ILE B 269 8.26 15.27 9.40
CA ILE B 269 7.75 16.57 9.77
C ILE B 269 6.23 16.58 9.75
N LEU B 270 5.63 16.23 8.62
CA LEU B 270 4.17 16.27 8.57
C LEU B 270 3.53 15.43 9.68
N GLU B 271 4.09 14.28 10.00
CA GLU B 271 3.48 13.46 11.03
C GLU B 271 3.53 14.18 12.36
N PHE B 272 4.72 14.61 12.75
CA PHE B 272 4.92 15.48 13.91
C PHE B 272 3.89 16.62 13.99
N LEU B 273 3.85 17.46 12.98
CA LEU B 273 2.87 18.55 13.01
C LEU B 273 1.47 18.04 13.35
N TYR B 274 0.97 17.07 12.61
CA TYR B 274 -0.38 16.62 12.83
C TYR B 274 -0.53 16.00 14.22
N SER B 275 0.48 15.30 14.68
CA SER B 275 0.31 14.60 15.97
C SER B 275 0.26 15.58 17.17
N THR B 276 1.10 16.61 17.19
CA THR B 276 1.14 17.56 18.33
C THR B 276 0.16 18.71 18.18
N SER B 277 -0.82 18.58 17.30
CA SER B 277 -1.71 19.69 17.05
C SER B 277 -3.14 19.26 17.28
N TYR B 278 -3.31 17.96 17.47
CA TYR B 278 -4.62 17.38 17.67
C TYR B 278 -4.48 16.30 18.70
N ASN B 279 -5.07 16.52 19.87
CA ASN B 279 -5.19 15.43 20.80
C ASN B 279 -5.75 14.31 19.97
N MET B 280 -5.48 13.08 20.38
CA MET B 280 -6.24 11.97 19.83
C MET B 280 -7.16 11.40 20.90
N ASP B 281 -7.01 11.94 22.12
CA ASP B 281 -7.88 11.58 23.22
C ASP B 281 -9.37 11.81 22.87
N ARG B 282 -9.65 12.23 21.64
CA ARG B 282 -11.03 12.42 21.20
C ARG B 282 -11.93 11.20 21.51
N PHE B 283 -11.35 10.00 21.46
CA PHE B 283 -12.09 8.73 21.70
C PHE B 283 -11.62 7.59 20.76
PA NAP C . -18.32 10.22 -0.27
O1A NAP C . -18.84 11.58 -0.59
O2A NAP C . -18.77 9.57 0.99
O5B NAP C . -18.68 9.28 -1.52
C5B NAP C . -18.50 7.89 -1.49
C4B NAP C . -18.98 7.49 -2.86
O4B NAP C . -18.62 6.15 -3.09
C3B NAP C . -20.49 7.54 -2.91
O3B NAP C . -20.87 7.74 -4.25
C2B NAP C . -20.88 6.13 -2.57
O2B NAP C . -22.16 5.86 -3.08
C1B NAP C . -19.78 5.39 -3.31
N9A NAP C . -19.62 4.05 -2.77
C8A NAP C . -19.59 3.69 -1.44
N7A NAP C . -19.47 2.34 -1.39
C5A NAP C . -19.46 1.86 -2.67
C6A NAP C . -19.36 0.58 -3.19
N6A NAP C . -19.28 -0.46 -2.36
N1A NAP C . -19.35 0.37 -4.54
C2A NAP C . -19.46 1.46 -5.40
N3A NAP C . -19.56 2.74 -4.87
C4A NAP C . -19.56 2.92 -3.53
O3 NAP C . -16.72 10.31 -0.19
PN NAP C . -15.65 11.46 -0.47
O1N NAP C . -16.10 12.31 -1.58
O2N NAP C . -15.15 12.02 0.81
O5D NAP C . -14.39 10.55 -0.96
C5D NAP C . -14.03 10.41 -2.34
C4D NAP C . -12.58 10.05 -2.43
O4D NAP C . -11.85 11.09 -1.83
C3D NAP C . -12.23 8.78 -1.66
O3D NAP C . -11.44 7.96 -2.48
C2D NAP C . -11.37 9.27 -0.54
O2D NAP C . -10.37 8.39 0.00
C1D NAP C . -10.78 10.49 -1.18
N1N NAP C . -10.41 11.32 -0.04
C2N NAP C . -11.37 11.88 0.74
C3N NAP C . -11.00 12.67 1.82
C7N NAP C . -11.97 13.54 2.59
O7N NAP C . -11.49 14.18 3.74
N7N NAP C . -13.24 13.72 2.20
C4N NAP C . -9.65 12.86 2.09
C5N NAP C . -8.70 12.27 1.29
C6N NAP C . -9.09 11.50 0.22
P2B NAP C . -23.09 4.63 -2.55
O1X NAP C . -24.39 4.99 -3.23
O2X NAP C . -22.68 3.22 -2.91
O3X NAP C . -23.05 4.49 -1.05
N1 IIG D . -7.84 11.63 6.09
C4 IIG D . -11.00 11.52 5.19
C5 IIG D . -9.95 10.59 5.39
C6 IIG D . -10.22 9.25 5.74
C7 IIG D . -11.56 8.89 5.93
C8 IIG D . -14.01 9.41 6.00
C10 IIG D . -14.23 7.95 5.70
C13 IIG D . -6.50 12.11 5.76
C15 IIG D . -6.20 13.59 5.97
C17 IIG D . -7.80 11.08 9.67
C20 IIG D . -8.57 11.40 11.61
C21 IIG D . -7.47 11.28 12.69
C22 IIG D . -8.77 12.05 12.98
C1 IIG D . -8.26 12.37 10.46
C18 IIG D . -9.27 12.69 9.40
C19 IIG D . -8.61 13.03 8.07
O3 IIG D . -6.98 12.97 10.38
C16 IIG D . -7.14 11.31 8.34
C12 IIG D . -8.30 11.67 7.48
C14 IIG D . -6.59 13.11 4.60
C11 IIG D . -8.54 11.05 5.09
O2 IIG D . -8.10 10.92 3.94
C3 IIG D . -12.33 11.13 5.37
C2 IIG D . -12.58 9.82 5.75
C9 IIG D . -14.29 9.55 7.50
F2 IIG D . -15.60 9.51 7.56
F3 IIG D . -13.72 8.53 8.16
F1 IIG D . -13.82 10.69 7.99
O1 IIG D . -14.90 10.34 5.32
PA NAP E . 12.57 -16.48 -0.55
O1A NAP E . 13.95 -17.02 -0.48
O2A NAP E . 11.97 -16.71 -1.88
O5B NAP E . 11.73 -17.10 0.65
C5B NAP E . 10.35 -16.89 0.78
C4B NAP E . 10.02 -17.57 2.10
O4B NAP E . 8.63 -17.54 2.37
C3B NAP E . 10.34 -19.06 1.98
O3B NAP E . 10.60 -19.59 3.27
C2B NAP E . 9.06 -19.67 1.49
O2B NAP E . 9.06 -21.01 1.96
C1B NAP E . 8.03 -18.80 2.21
N9A NAP E . 6.75 -18.82 1.48
C8A NAP E . 6.52 -18.68 0.14
N7A NAP E . 5.16 -18.78 -0.09
C5A NAP E . 4.57 -19.00 1.12
C6A NAP E . 3.26 -19.23 1.48
N6A NAP E . 2.29 -19.24 0.55
N1A NAP E . 2.95 -19.45 2.82
C2A NAP E . 3.90 -19.47 3.78
N3A NAP E . 5.19 -19.24 3.39
C4A NAP E . 5.53 -19.03 2.09
O3 NAP E . 12.54 -14.88 -0.23
PN NAP E . 13.61 -13.88 0.44
O1N NAP E . 14.20 -14.53 1.69
O2N NAP E . 14.33 -13.33 -0.73
O5D NAP E . 12.61 -12.74 0.95
C5D NAP E . 12.17 -12.67 2.30
C4D NAP E . 11.73 -11.24 2.54
O4D NAP E . 12.77 -10.35 2.14
C3D NAP E . 10.55 -10.93 1.63
O3D NAP E . 9.65 -10.14 2.32
C2D NAP E . 11.11 -10.08 0.52
O2D NAP E . 10.12 -9.23 -0.01
C1D NAP E . 12.17 -9.36 1.31
N1N NAP E . 13.04 -8.81 0.29
C2N NAP E . 13.75 -9.61 -0.54
C3N NAP E . 14.55 -9.01 -1.52
C7N NAP E . 15.62 -9.82 -2.18
O7N NAP E . 16.42 -9.23 -3.18
N7N NAP E . 15.77 -11.08 -1.78
C4N NAP E . 14.58 -7.62 -1.63
C5N NAP E . 13.83 -6.84 -0.79
C6N NAP E . 13.06 -7.46 0.17
P2B NAP E . 8.02 -22.17 1.53
O1X NAP E . 8.76 -23.36 2.08
O2X NAP E . 6.65 -22.01 2.15
O3X NAP E . 7.84 -22.19 0.03
N1 IIG F . 13.22 -5.54 -5.66
C4 IIG F . 13.56 -8.74 -5.13
C5 IIG F . 12.47 -7.83 -5.23
C6 IIG F . 11.21 -8.26 -5.60
C7 IIG F . 11.00 -9.59 -5.91
C8 IIG F . 11.80 -11.94 -6.19
C10 IIG F . 10.44 -12.44 -5.71
C13 IIG F . 13.51 -4.19 -5.24
C15 IIG F . 14.96 -3.80 -5.32
C17 IIG F . 13.07 -5.35 -9.33
C20 IIG F . 13.82 -5.88 -11.15
C21 IIG F . 13.31 -4.66 -11.93
C22 IIG F . 14.53 -5.44 -12.42
C1 IIG F . 14.53 -5.49 -9.88
C18 IIG F . 14.99 -6.46 -8.76
C19 IIG F . 14.98 -5.87 -7.34
O3 IIG F . 14.78 -4.14 -9.65
C16 IIG F . 12.98 -4.83 -7.90
C12 IIG F . 13.52 -5.91 -7.01
C14 IIG F . 14.38 -4.19 -3.99
C11 IIG F . 12.67 -6.39 -4.81
O2 IIG F . 12.37 -6.12 -3.64
C3 IIG F . 13.33 -10.09 -5.46
C2 IIG F . 12.05 -10.50 -5.84
C9 IIG F . 11.79 -12.06 -7.69
F2 IIG F . 11.49 -13.31 -7.86
F3 IIG F . 10.81 -11.31 -8.22
F1 IIG F . 13.00 -11.72 -8.20
O1 IIG F . 12.87 -12.74 -5.66
#